data_3AXT
#
_entry.id   3AXT
#
_cell.length_a   54.438
_cell.length_b   140.928
_cell.length_c   119.038
_cell.angle_alpha   90.00
_cell.angle_beta   90.00
_cell.angle_gamma   90.00
#
_symmetry.space_group_name_H-M   'C 2 2 21'
#
loop_
_entity.id
_entity.type
_entity.pdbx_description
1 polymer 'Probable N(2),N(2)-dimethylguanosine tRNA methyltransferase Trm1'
2 non-polymer 'ZINC ION'
3 non-polymer 'SULFATE ION'
4 non-polymer S-ADENOSYLMETHIONINE
5 water water
#
_entity_poly.entity_id   1
_entity_poly.type   'polypeptide(L)'
_entity_poly.pdbx_seq_one_letter_code
;MEIVQEGIAKIIVPEIPKTVSSDMPVFYNPRMRVNRDLAVLGLEYLCKKLGRPVKVADPLSASGIRAIRFLLETSCVEKA
YANDISSKAIEIMKENFKLNNIPEDRYEIHGMEANFFLRKEWGFGFDYVDLDPFGTPVPFIESVALSMKRGGILSLTATD
TAPLSGTYPKTCMRRYMARPLRNEFKHEVGIRILIKKVIELAAQYDIAMIPIFAYSHLHYFKLFFVKERGVEKVDKLIEQ
FGYIQYCFNCMNREVVTDLYKFKEKCPHCGSKFHIGGPLWIGKLWDEEFTNFLYEEAQKREEIEKETKRILKLIKEESQL
QTVGFYVLSKLAEKVKLPAQPPIRIAVKFFNGVRTHFVGDGFRTNLSFEEVMKKMEELKEKQKEFLEKKKQG
;
_entity_poly.pdbx_strand_id   A
#
# COMPACT_ATOMS: atom_id res chain seq x y z
N MET A 1 14.92 -26.02 7.56
CA MET A 1 15.09 -26.86 6.38
C MET A 1 15.97 -26.18 5.32
N GLU A 2 15.98 -24.86 5.34
CA GLU A 2 16.72 -24.08 4.35
C GLU A 2 17.14 -22.73 4.89
N ILE A 3 18.37 -22.33 4.60
CA ILE A 3 18.86 -21.02 4.99
C ILE A 3 18.82 -20.05 3.80
N VAL A 4 18.29 -18.85 4.04
CA VAL A 4 18.20 -17.86 2.98
C VAL A 4 18.72 -16.51 3.47
N GLN A 5 19.19 -15.69 2.54
CA GLN A 5 19.65 -14.36 2.89
C GLN A 5 18.82 -13.27 2.22
N GLU A 6 18.38 -12.32 3.04
CA GLU A 6 17.65 -11.16 2.54
C GLU A 6 18.22 -9.90 3.19
N GLY A 7 18.80 -9.02 2.36
CA GLY A 7 19.46 -7.84 2.88
C GLY A 7 20.72 -8.25 3.63
N ILE A 8 20.78 -7.90 4.91
CA ILE A 8 21.92 -8.26 5.75
C ILE A 8 21.59 -9.49 6.58
N ALA A 9 20.34 -9.90 6.57
CA ALA A 9 19.86 -10.97 7.43
C ALA A 9 20.02 -12.37 6.84
N LYS A 10 20.33 -13.33 7.72
CA LYS A 10 20.34 -14.75 7.38
C LYS A 10 19.33 -15.46 8.27
N ILE A 11 18.43 -16.24 7.69
CA ILE A 11 17.39 -16.90 8.47
C ILE A 11 17.17 -18.37 8.07
N ILE A 12 16.69 -19.15 9.04
CA ILE A 12 16.31 -20.53 8.79
C ILE A 12 14.81 -20.62 8.59
N VAL A 13 14.40 -21.18 7.46
CA VAL A 13 12.98 -21.32 7.15
C VAL A 13 12.70 -22.67 6.51
N PRO A 14 11.46 -23.17 6.65
CA PRO A 14 11.05 -24.41 5.99
C PRO A 14 11.21 -24.27 4.49
N GLU A 15 11.54 -25.37 3.81
CA GLU A 15 11.73 -25.32 2.36
C GLU A 15 10.47 -24.82 1.66
N ILE A 16 10.67 -24.06 0.59
CA ILE A 16 9.56 -23.44 -0.13
C ILE A 16 9.39 -24.07 -1.52
N PRO A 17 8.13 -24.24 -1.96
CA PRO A 17 7.84 -24.78 -3.29
C PRO A 17 8.65 -24.10 -4.38
N LYS A 18 8.85 -24.79 -5.51
CA LYS A 18 9.62 -24.24 -6.62
C LYS A 18 9.11 -22.86 -7.04
N THR A 19 7.78 -22.70 -7.03
CA THR A 19 7.17 -21.42 -7.37
C THR A 19 6.11 -21.04 -6.35
N VAL A 20 5.97 -19.74 -6.10
CA VAL A 20 5.01 -19.27 -5.12
C VAL A 20 4.27 -18.02 -5.60
N SER A 21 3.08 -17.80 -5.07
CA SER A 21 2.32 -16.59 -5.38
C SER A 21 2.84 -15.44 -4.52
N SER A 22 2.48 -14.22 -4.89
CA SER A 22 2.93 -13.05 -4.15
C SER A 22 2.35 -13.06 -2.74
N ASP A 23 1.21 -13.71 -2.57
CA ASP A 23 0.55 -13.78 -1.27
C ASP A 23 0.59 -15.19 -0.70
N MET A 24 1.56 -15.98 -1.15
CA MET A 24 1.70 -17.36 -0.73
C MET A 24 1.67 -17.49 0.80
N PRO A 25 0.70 -18.26 1.32
CA PRO A 25 0.55 -18.48 2.77
C PRO A 25 1.58 -19.45 3.32
N VAL A 26 2.83 -19.02 3.35
CA VAL A 26 3.92 -19.85 3.84
C VAL A 26 4.71 -19.12 4.93
N PHE A 27 5.49 -19.87 5.69
CA PHE A 27 6.24 -19.31 6.81
C PHE A 27 7.09 -18.12 6.37
N TYR A 28 7.81 -18.29 5.25
CA TYR A 28 8.61 -17.21 4.68
C TYR A 28 8.44 -17.17 3.17
N ASN A 29 8.07 -16.00 2.64
CA ASN A 29 7.89 -15.81 1.21
C ASN A 29 8.87 -14.77 0.66
N PRO A 30 9.82 -15.23 -0.16
CA PRO A 30 10.86 -14.36 -0.74
C PRO A 30 10.26 -13.34 -1.73
N ARG A 31 9.05 -13.59 -2.19
CA ARG A 31 8.38 -12.69 -3.11
C ARG A 31 7.87 -11.45 -2.39
N MET A 32 7.93 -11.47 -1.07
CA MET A 32 7.55 -10.30 -0.27
C MET A 32 8.78 -9.44 0.02
N ARG A 33 9.88 -9.73 -0.66
CA ARG A 33 11.13 -9.01 -0.49
C ARG A 33 10.94 -7.49 -0.59
N VAL A 34 10.36 -7.04 -1.69
CA VAL A 34 10.12 -5.62 -1.90
C VAL A 34 9.36 -5.01 -0.72
N ASN A 35 8.33 -5.73 -0.27
CA ASN A 35 7.52 -5.28 0.86
C ASN A 35 8.39 -5.02 2.10
N ARG A 36 9.25 -5.97 2.43
CA ARG A 36 10.12 -5.83 3.59
C ARG A 36 11.19 -4.75 3.40
N ASP A 37 11.62 -4.56 2.14
CA ASP A 37 12.56 -3.49 1.82
C ASP A 37 11.93 -2.14 2.15
N LEU A 38 10.69 -1.95 1.74
CA LEU A 38 9.96 -0.73 2.01
C LEU A 38 9.82 -0.50 3.52
N ALA A 39 9.55 -1.59 4.24
CA ALA A 39 9.39 -1.52 5.70
C ALA A 39 10.67 -1.02 6.35
N VAL A 40 11.81 -1.56 5.91
CA VAL A 40 13.11 -1.15 6.43
C VAL A 40 13.36 0.33 6.18
N LEU A 41 13.16 0.75 4.94
CA LEU A 41 13.33 2.15 4.55
C LEU A 41 12.39 3.06 5.33
N GLY A 42 11.16 2.59 5.53
CA GLY A 42 10.17 3.34 6.29
C GLY A 42 10.64 3.59 7.71
N LEU A 43 11.25 2.58 8.32
CA LEU A 43 11.77 2.70 9.68
C LEU A 43 12.95 3.68 9.72
N GLU A 44 13.81 3.59 8.72
CA GLU A 44 14.98 4.47 8.65
C GLU A 44 14.53 5.93 8.54
N TYR A 45 13.40 6.14 7.87
CA TYR A 45 12.83 7.48 7.78
C TYR A 45 12.51 8.00 9.17
N LEU A 46 11.83 7.18 9.96
CA LEU A 46 11.50 7.54 11.33
C LEU A 46 12.76 7.80 12.14
N CYS A 47 13.80 7.02 11.87
CA CYS A 47 15.08 7.18 12.56
C CYS A 47 15.66 8.58 12.32
N LYS A 48 15.59 9.01 11.06
CA LYS A 48 16.11 10.33 10.66
C LYS A 48 15.18 11.43 11.15
N LYS A 49 13.90 11.10 11.34
CA LYS A 49 12.91 12.09 11.75
C LYS A 49 12.97 12.37 13.25
N LEU A 50 13.08 11.31 14.04
CA LEU A 50 13.09 11.43 15.50
C LEU A 50 14.48 11.69 16.05
N GLY A 51 15.49 11.16 15.36
CA GLY A 51 16.88 11.35 15.76
C GLY A 51 17.20 10.71 17.10
N ARG A 52 16.39 9.74 17.50
CA ARG A 52 16.58 9.07 18.77
C ARG A 52 16.30 7.58 18.64
N PRO A 53 16.69 6.79 19.66
CA PRO A 53 16.38 5.36 19.68
C PRO A 53 14.86 5.13 19.71
N VAL A 54 14.40 4.18 18.92
CA VAL A 54 12.97 3.89 18.83
C VAL A 54 12.66 2.44 19.16
N LYS A 55 11.43 2.20 19.59
CA LYS A 55 10.96 0.84 19.86
C LYS A 55 10.00 0.40 18.76
N VAL A 56 10.33 -0.72 18.11
CA VAL A 56 9.52 -1.22 17.01
C VAL A 56 8.81 -2.52 17.38
N ALA A 57 7.67 -2.75 16.73
CA ALA A 57 6.86 -3.94 17.02
C ALA A 57 6.61 -4.79 15.78
N ASP A 58 6.68 -6.11 15.96
CA ASP A 58 6.41 -7.07 14.89
C ASP A 58 5.42 -8.11 15.40
N PRO A 59 4.14 -7.73 15.49
CA PRO A 59 3.07 -8.55 16.09
C PRO A 59 2.88 -9.89 15.38
N LEU A 60 3.09 -9.92 14.07
CA LEU A 60 2.98 -11.15 13.30
C LEU A 60 4.32 -11.43 12.64
N SER A 61 5.24 -12.01 13.41
CA SER A 61 6.64 -12.08 13.05
C SER A 61 7.02 -13.27 12.18
N ALA A 62 6.40 -14.42 12.44
CA ALA A 62 6.71 -15.65 11.71
C ALA A 62 8.17 -16.06 11.91
N SER A 63 8.99 -15.82 10.90
CA SER A 63 10.41 -16.16 10.97
C SER A 63 11.18 -15.11 11.76
N GLY A 64 10.59 -13.93 11.90
CA GLY A 64 11.24 -12.85 12.61
C GLY A 64 12.12 -12.03 11.70
N ILE A 65 11.96 -12.22 10.40
CA ILE A 65 12.80 -11.55 9.42
C ILE A 65 12.72 -10.03 9.47
N ARG A 66 11.51 -9.49 9.62
CA ARG A 66 11.33 -8.05 9.64
C ARG A 66 12.01 -7.39 10.83
N ALA A 67 11.74 -7.92 12.02
CA ALA A 67 12.34 -7.40 13.25
C ALA A 67 13.86 -7.45 13.16
N ILE A 68 14.38 -8.52 12.59
CA ILE A 68 15.81 -8.69 12.42
C ILE A 68 16.39 -7.66 11.45
N ARG A 69 15.77 -7.53 10.29
CA ARG A 69 16.21 -6.55 9.30
C ARG A 69 16.14 -5.13 9.85
N PHE A 70 15.17 -4.90 10.73
CA PHE A 70 15.04 -3.60 11.40
C PHE A 70 16.28 -3.34 12.26
N LEU A 71 16.65 -4.35 13.05
CA LEU A 71 17.79 -4.22 13.96
C LEU A 71 19.12 -4.08 13.21
N LEU A 72 19.25 -4.78 12.09
CA LEU A 72 20.52 -4.83 11.37
C LEU A 72 20.70 -3.70 10.36
N GLU A 73 19.61 -3.27 9.74
CA GLU A 73 19.71 -2.35 8.60
C GLU A 73 19.30 -0.91 8.92
N THR A 74 18.90 -0.65 10.16
CA THR A 74 18.60 0.71 10.59
C THR A 74 19.47 1.13 11.76
N SER A 75 19.47 2.42 12.06
CA SER A 75 20.44 2.97 13.01
C SER A 75 19.88 3.30 14.40
N CYS A 76 18.56 3.40 14.51
CA CYS A 76 17.96 3.93 15.74
C CYS A 76 17.13 2.94 16.56
N VAL A 77 17.12 1.67 16.17
CA VAL A 77 16.31 0.70 16.89
C VAL A 77 16.88 0.37 18.26
N GLU A 78 16.22 0.84 19.31
CA GLU A 78 16.63 0.55 20.68
C GLU A 78 16.32 -0.90 21.04
N LYS A 79 15.07 -1.30 20.79
CA LYS A 79 14.63 -2.65 21.11
C LYS A 79 13.49 -3.07 20.20
N ALA A 80 13.55 -4.30 19.70
CA ALA A 80 12.53 -4.83 18.80
C ALA A 80 11.65 -5.86 19.52
N TYR A 81 10.35 -5.67 19.43
CA TYR A 81 9.40 -6.57 20.08
C TYR A 81 8.66 -7.43 19.05
N ALA A 82 9.12 -8.66 18.87
CA ALA A 82 8.51 -9.58 17.91
C ALA A 82 7.57 -10.56 18.59
N ASN A 83 6.52 -10.95 17.89
CA ASN A 83 5.51 -11.83 18.45
C ASN A 83 4.86 -12.75 17.41
N ASP A 84 4.46 -13.94 17.85
CA ASP A 84 3.75 -14.88 17.00
C ASP A 84 3.09 -15.95 17.86
N ILE A 85 1.83 -16.27 17.55
CA ILE A 85 1.08 -17.23 18.35
C ILE A 85 1.52 -18.67 18.06
N SER A 86 2.28 -18.85 16.99
CA SER A 86 2.74 -20.18 16.59
C SER A 86 3.99 -20.58 17.36
N SER A 87 4.02 -21.84 17.81
CA SER A 87 5.11 -22.34 18.64
C SER A 87 6.41 -22.47 17.85
N LYS A 88 6.36 -23.15 16.71
CA LYS A 88 7.54 -23.31 15.88
C LYS A 88 7.98 -21.98 15.27
N ALA A 89 7.04 -21.06 15.10
CA ALA A 89 7.38 -19.71 14.70
C ALA A 89 8.26 -19.11 15.78
N ILE A 90 7.89 -19.33 17.03
CA ILE A 90 8.69 -18.88 18.16
C ILE A 90 10.07 -19.52 18.15
N GLU A 91 10.10 -20.84 18.04
CA GLU A 91 11.35 -21.58 18.03
C GLU A 91 12.28 -21.06 16.92
N ILE A 92 11.75 -21.02 15.71
CA ILE A 92 12.49 -20.53 14.55
C ILE A 92 12.95 -19.09 14.76
N MET A 93 12.08 -18.25 15.31
CA MET A 93 12.43 -16.87 15.62
C MET A 93 13.64 -16.81 16.53
N LYS A 94 13.59 -17.55 17.63
CA LYS A 94 14.71 -17.59 18.58
C LYS A 94 16.02 -17.88 17.86
N GLU A 95 16.02 -18.95 17.09
CA GLU A 95 17.23 -19.40 16.40
C GLU A 95 17.69 -18.39 15.35
N ASN A 96 16.76 -17.69 14.73
CA ASN A 96 17.10 -16.69 13.73
C ASN A 96 17.73 -15.44 14.36
N PHE A 97 17.21 -15.02 15.51
CA PHE A 97 17.79 -13.90 16.25
C PHE A 97 19.22 -14.21 16.68
N LYS A 98 19.45 -15.43 17.15
CA LYS A 98 20.78 -15.85 17.56
C LYS A 98 21.70 -16.02 16.36
N LEU A 99 21.15 -16.49 15.26
CA LEU A 99 21.93 -16.70 14.04
C LEU A 99 22.51 -15.39 13.52
N ASN A 100 21.81 -14.29 13.73
CA ASN A 100 22.27 -12.99 13.25
C ASN A 100 23.07 -12.23 14.30
N ASN A 101 23.48 -12.94 15.36
CA ASN A 101 24.33 -12.35 16.39
C ASN A 101 23.72 -11.10 17.04
N ILE A 102 22.41 -11.11 17.22
CA ILE A 102 21.72 -9.99 17.84
C ILE A 102 21.71 -10.13 19.36
N PRO A 103 22.25 -9.12 20.06
CA PRO A 103 22.28 -9.11 21.54
C PRO A 103 20.89 -9.32 22.11
N GLU A 104 20.79 -10.11 23.18
CA GLU A 104 19.51 -10.45 23.79
C GLU A 104 18.70 -9.22 24.21
N ASP A 105 19.39 -8.21 24.73
CA ASP A 105 18.72 -7.02 25.24
C ASP A 105 18.25 -6.08 24.13
N ARG A 106 18.43 -6.53 22.88
CA ARG A 106 18.01 -5.74 21.73
C ARG A 106 16.63 -6.15 21.22
N TYR A 107 16.09 -7.24 21.77
CA TYR A 107 14.81 -7.77 21.31
C TYR A 107 14.07 -8.57 22.38
N GLU A 108 12.75 -8.69 22.19
CA GLU A 108 11.91 -9.56 23.02
C GLU A 108 11.03 -10.43 22.12
N ILE A 109 10.91 -11.71 22.48
CA ILE A 109 10.08 -12.63 21.73
C ILE A 109 8.86 -13.06 22.56
N HIS A 110 7.68 -12.97 21.95
CA HIS A 110 6.45 -13.32 22.63
C HIS A 110 5.62 -14.29 21.80
N GLY A 111 4.81 -15.11 22.47
CA GLY A 111 3.95 -16.07 21.81
C GLY A 111 2.49 -15.85 22.15
N MET A 112 2.05 -14.60 22.04
CA MET A 112 0.69 -14.23 22.37
C MET A 112 -0.10 -13.96 21.10
N GLU A 113 -1.42 -13.86 21.26
CA GLU A 113 -2.27 -13.42 20.18
C GLU A 113 -1.97 -11.95 19.92
N ALA A 114 -1.81 -11.58 18.65
CA ALA A 114 -1.39 -10.24 18.25
C ALA A 114 -2.03 -9.12 19.07
N ASN A 115 -3.34 -9.15 19.22
CA ASN A 115 -4.04 -8.10 19.94
C ASN A 115 -3.64 -8.03 21.41
N PHE A 116 -3.50 -9.19 22.05
CA PHE A 116 -3.03 -9.25 23.42
C PHE A 116 -1.62 -8.68 23.53
N PHE A 117 -0.77 -9.06 22.58
CA PHE A 117 0.62 -8.61 22.55
C PHE A 117 0.71 -7.08 22.45
N LEU A 118 -0.13 -6.51 21.59
CA LEU A 118 -0.11 -5.07 21.36
C LEU A 118 -0.74 -4.29 22.51
N ARG A 119 -1.79 -4.85 23.11
CA ARG A 119 -2.51 -4.16 24.17
C ARG A 119 -1.87 -4.33 25.55
N LYS A 120 -0.73 -5.02 25.59
CA LYS A 120 0.01 -5.18 26.85
C LYS A 120 0.36 -3.82 27.45
N GLU A 121 0.40 -3.76 28.77
CA GLU A 121 0.82 -2.56 29.48
C GLU A 121 2.34 -2.43 29.40
N TRP A 122 2.84 -1.93 28.27
CA TRP A 122 4.27 -1.81 28.05
C TRP A 122 4.89 -0.66 28.84
N GLY A 123 4.09 0.37 29.11
CA GLY A 123 4.59 1.56 29.75
C GLY A 123 5.13 2.53 28.72
N PHE A 124 4.96 2.17 27.45
CA PHE A 124 5.43 2.99 26.34
C PHE A 124 4.64 2.66 25.08
N GLY A 125 4.68 3.56 24.10
CA GLY A 125 4.05 3.33 22.82
C GLY A 125 5.08 3.00 21.76
N PHE A 126 4.70 2.19 20.79
CA PHE A 126 5.62 1.81 19.72
C PHE A 126 5.79 2.92 18.71
N ASP A 127 7.04 3.23 18.36
CA ASP A 127 7.33 4.24 17.36
C ASP A 127 7.07 3.70 15.97
N TYR A 128 7.24 2.39 15.80
CA TYR A 128 7.09 1.76 14.50
C TYR A 128 6.48 0.37 14.64
N VAL A 129 5.41 0.12 13.88
CA VAL A 129 4.73 -1.16 13.92
C VAL A 129 4.55 -1.71 12.51
N ASP A 130 4.93 -2.97 12.31
CA ASP A 130 4.76 -3.62 11.02
C ASP A 130 3.72 -4.73 11.12
N LEU A 131 2.56 -4.52 10.50
CA LEU A 131 1.47 -5.48 10.51
C LEU A 131 1.42 -6.21 9.17
N ASP A 132 1.81 -7.49 9.18
CA ASP A 132 1.88 -8.28 7.95
C ASP A 132 1.13 -9.60 8.11
N PRO A 133 -0.21 -9.57 7.94
CA PRO A 133 -1.06 -10.74 8.12
C PRO A 133 -1.40 -11.46 6.81
N PHE A 134 -1.82 -12.71 6.92
CA PHE A 134 -2.40 -13.42 5.78
C PHE A 134 -3.85 -12.98 5.63
N GLY A 135 -4.14 -12.23 4.57
CA GLY A 135 -5.48 -11.73 4.33
C GLY A 135 -5.67 -10.30 4.81
N THR A 136 -6.75 -10.06 5.54
CA THR A 136 -7.10 -8.72 5.99
C THR A 136 -6.41 -8.35 7.30
N PRO A 137 -5.99 -7.08 7.42
CA PRO A 137 -5.38 -6.53 8.64
C PRO A 137 -6.41 -5.94 9.58
N VAL A 138 -7.68 -5.97 9.18
CA VAL A 138 -8.77 -5.40 9.95
C VAL A 138 -8.77 -5.79 11.44
N PRO A 139 -8.64 -7.09 11.74
CA PRO A 139 -8.73 -7.56 13.12
C PRO A 139 -7.66 -6.97 14.05
N PHE A 140 -6.63 -6.32 13.49
CA PHE A 140 -5.52 -5.84 14.29
C PHE A 140 -5.40 -4.32 14.31
N ILE A 141 -6.13 -3.66 13.43
CA ILE A 141 -6.02 -2.22 13.24
C ILE A 141 -6.15 -1.42 14.54
N GLU A 142 -7.24 -1.65 15.27
CA GLU A 142 -7.51 -0.91 16.50
C GLU A 142 -6.41 -1.09 17.54
N SER A 143 -5.98 -2.34 17.73
CA SER A 143 -4.93 -2.64 18.69
C SER A 143 -3.62 -1.95 18.30
N VAL A 144 -3.32 -1.97 17.01
CA VAL A 144 -2.13 -1.30 16.49
C VAL A 144 -2.19 0.20 16.76
N ALA A 145 -3.30 0.82 16.38
CA ALA A 145 -3.47 2.25 16.56
C ALA A 145 -3.31 2.66 18.03
N LEU A 146 -3.90 1.90 18.92
CA LEU A 146 -3.83 2.19 20.35
C LEU A 146 -2.43 2.00 20.93
N SER A 147 -1.71 1.01 20.40
CA SER A 147 -0.39 0.66 20.92
C SER A 147 0.69 1.62 20.43
N MET A 148 0.45 2.23 19.27
CA MET A 148 1.43 3.11 18.65
C MET A 148 1.60 4.41 19.42
N LYS A 149 2.79 4.99 19.32
CA LYS A 149 3.08 6.28 19.92
C LYS A 149 2.75 7.40 18.94
N ARG A 150 2.41 8.56 19.47
CA ARG A 150 2.09 9.71 18.63
C ARG A 150 3.26 10.04 17.71
N GLY A 151 2.98 10.17 16.42
CA GLY A 151 4.01 10.44 15.44
C GLY A 151 4.64 9.16 14.93
N GLY A 152 4.19 8.03 15.45
CA GLY A 152 4.69 6.73 15.02
C GLY A 152 4.20 6.37 13.64
N ILE A 153 4.84 5.38 13.03
CA ILE A 153 4.49 4.96 11.68
C ILE A 153 4.05 3.50 11.63
N LEU A 154 2.98 3.25 10.87
CA LEU A 154 2.47 1.89 10.70
C LEU A 154 2.82 1.34 9.33
N SER A 155 3.53 0.22 9.31
CA SER A 155 3.83 -0.49 8.08
C SER A 155 2.83 -1.61 7.89
N LEU A 156 1.90 -1.43 6.96
CA LEU A 156 0.76 -2.32 6.82
C LEU A 156 0.77 -3.11 5.51
N THR A 157 0.25 -4.34 5.59
CA THR A 157 0.12 -5.21 4.42
C THR A 157 -1.25 -5.90 4.42
N ALA A 158 -1.83 -6.05 3.24
CA ALA A 158 -3.11 -6.74 3.10
C ALA A 158 -3.09 -7.58 1.84
N THR A 159 -3.46 -8.85 1.97
CA THR A 159 -3.43 -9.77 0.83
C THR A 159 -4.82 -10.18 0.37
N ASP A 160 -5.85 -9.66 1.04
CA ASP A 160 -7.23 -9.92 0.62
C ASP A 160 -7.64 -8.89 -0.44
N THR A 161 -6.85 -8.81 -1.50
CA THR A 161 -7.08 -7.83 -2.56
C THR A 161 -8.26 -8.20 -3.44
N ALA A 162 -8.58 -9.49 -3.49
CA ALA A 162 -9.67 -9.98 -4.33
C ALA A 162 -11.01 -9.30 -4.00
N PRO A 163 -11.42 -9.34 -2.71
CA PRO A 163 -12.66 -8.66 -2.33
C PRO A 163 -12.56 -7.16 -2.54
N LEU A 164 -11.43 -6.57 -2.17
CA LEU A 164 -11.22 -5.14 -2.28
C LEU A 164 -11.22 -4.67 -3.74
N SER A 165 -10.87 -5.57 -4.64
CA SER A 165 -10.75 -5.23 -6.06
C SER A 165 -12.04 -5.48 -6.83
N GLY A 166 -13.05 -6.00 -6.16
CA GLY A 166 -14.36 -6.16 -6.77
C GLY A 166 -14.70 -7.58 -7.20
N THR A 167 -13.78 -8.51 -7.00
CA THR A 167 -14.02 -9.90 -7.37
C THR A 167 -15.10 -10.52 -6.47
N TYR A 168 -15.10 -10.12 -5.20
CA TYR A 168 -16.10 -10.57 -4.25
C TYR A 168 -16.72 -9.37 -3.53
N PRO A 169 -17.69 -8.72 -4.17
CA PRO A 169 -18.30 -7.47 -3.69
C PRO A 169 -19.02 -7.61 -2.35
N LYS A 170 -19.78 -8.69 -2.16
CA LYS A 170 -20.50 -8.89 -0.92
C LYS A 170 -19.55 -9.13 0.26
N THR A 171 -18.49 -9.88 0.00
CA THR A 171 -17.46 -10.10 1.00
C THR A 171 -16.80 -8.78 1.35
N CYS A 172 -16.60 -7.94 0.34
CA CYS A 172 -15.99 -6.63 0.55
C CYS A 172 -16.90 -5.76 1.41
N MET A 173 -18.21 -5.83 1.16
CA MET A 173 -19.19 -5.03 1.88
C MET A 173 -19.23 -5.39 3.36
N ARG A 174 -19.17 -6.68 3.66
CA ARG A 174 -19.24 -7.16 5.04
C ARG A 174 -18.05 -6.70 5.87
N ARG A 175 -16.86 -6.74 5.26
CA ARG A 175 -15.63 -6.46 5.99
C ARG A 175 -15.24 -5.00 5.97
N TYR A 176 -15.47 -4.31 4.85
CA TYR A 176 -15.03 -2.93 4.70
C TYR A 176 -16.18 -1.94 4.53
N MET A 177 -17.40 -2.43 4.54
CA MET A 177 -18.58 -1.58 4.37
C MET A 177 -18.44 -0.62 3.20
N ALA A 178 -18.14 -1.16 2.02
CA ALA A 178 -17.98 -0.34 0.83
C ALA A 178 -18.18 -1.16 -0.44
N ARG A 179 -18.63 -0.48 -1.49
CA ARG A 179 -18.84 -1.09 -2.79
C ARG A 179 -17.59 -0.94 -3.64
N PRO A 180 -16.97 -2.07 -4.02
CA PRO A 180 -15.77 -2.02 -4.86
C PRO A 180 -16.12 -1.83 -6.33
N LEU A 181 -15.12 -1.49 -7.13
CA LEU A 181 -15.29 -1.36 -8.58
C LEU A 181 -14.27 -2.19 -9.34
N ARG A 182 -14.75 -3.25 -9.99
CA ARG A 182 -13.88 -4.15 -10.74
C ARG A 182 -13.56 -3.59 -12.12
N ASN A 183 -12.81 -2.49 -12.16
CA ASN A 183 -12.43 -1.87 -13.42
C ASN A 183 -10.92 -1.88 -13.66
N GLU A 184 -10.45 -1.03 -14.55
CA GLU A 184 -9.03 -0.98 -14.91
C GLU A 184 -8.17 -0.41 -13.79
N PHE A 185 -8.77 0.40 -12.91
CA PHE A 185 -8.06 0.90 -11.74
C PHE A 185 -8.68 0.35 -10.46
N LYS A 186 -9.08 -0.91 -10.51
CA LYS A 186 -9.71 -1.58 -9.39
C LYS A 186 -8.80 -1.66 -8.18
N HIS A 187 -7.49 -1.79 -8.43
CA HIS A 187 -6.53 -1.92 -7.35
C HIS A 187 -6.40 -0.64 -6.52
N GLU A 188 -6.54 0.51 -7.19
CA GLU A 188 -6.52 1.79 -6.50
C GLU A 188 -7.79 1.94 -5.66
N VAL A 189 -8.92 1.55 -6.24
CA VAL A 189 -10.19 1.60 -5.53
C VAL A 189 -10.10 0.76 -4.27
N GLY A 190 -9.54 -0.44 -4.39
CA GLY A 190 -9.37 -1.33 -3.26
C GLY A 190 -8.52 -0.71 -2.16
N ILE A 191 -7.39 -0.14 -2.55
CA ILE A 191 -6.50 0.52 -1.61
C ILE A 191 -7.20 1.66 -0.88
N ARG A 192 -7.93 2.48 -1.65
CA ARG A 192 -8.66 3.60 -1.08
C ARG A 192 -9.74 3.15 -0.11
N ILE A 193 -10.33 1.99 -0.38
CA ILE A 193 -11.30 1.40 0.52
C ILE A 193 -10.64 0.95 1.81
N LEU A 194 -9.51 0.26 1.67
CA LEU A 194 -8.74 -0.19 2.82
C LEU A 194 -8.32 0.98 3.69
N ILE A 195 -7.87 2.05 3.05
CA ILE A 195 -7.45 3.25 3.76
C ILE A 195 -8.61 3.82 4.59
N LYS A 196 -9.78 3.90 3.96
CA LYS A 196 -10.98 4.41 4.62
C LYS A 196 -11.32 3.57 5.85
N LYS A 197 -11.20 2.26 5.71
CA LYS A 197 -11.47 1.34 6.81
C LYS A 197 -10.51 1.57 7.97
N VAL A 198 -9.21 1.68 7.65
CA VAL A 198 -8.20 1.90 8.67
C VAL A 198 -8.45 3.20 9.42
N ILE A 199 -8.79 4.25 8.68
CA ILE A 199 -9.02 5.56 9.27
C ILE A 199 -10.23 5.59 10.20
N GLU A 200 -11.32 4.95 9.78
CA GLU A 200 -12.55 4.95 10.56
C GLU A 200 -12.43 4.11 11.83
N LEU A 201 -11.67 3.02 11.76
CA LEU A 201 -11.45 2.17 12.91
C LEU A 201 -10.65 2.91 13.98
N ALA A 202 -9.64 3.65 13.54
CA ALA A 202 -8.84 4.45 14.46
C ALA A 202 -9.59 5.69 14.92
N ALA A 203 -10.46 6.19 14.04
CA ALA A 203 -11.25 7.38 14.35
C ALA A 203 -12.17 7.14 15.54
N GLN A 204 -12.50 5.87 15.77
CA GLN A 204 -13.35 5.49 16.89
C GLN A 204 -12.74 5.93 18.21
N TYR A 205 -11.42 6.02 18.25
CA TYR A 205 -10.70 6.37 19.47
C TYR A 205 -10.07 7.76 19.37
N ASP A 206 -10.59 8.57 18.47
CA ASP A 206 -10.05 9.90 18.22
C ASP A 206 -8.58 9.87 17.83
N ILE A 207 -8.18 8.80 17.16
CA ILE A 207 -6.82 8.67 16.65
C ILE A 207 -6.80 8.92 15.14
N ALA A 208 -5.86 9.75 14.69
CA ALA A 208 -5.77 10.08 13.28
C ALA A 208 -4.65 9.30 12.59
N MET A 209 -5.05 8.30 11.81
CA MET A 209 -4.10 7.50 11.03
C MET A 209 -3.97 8.05 9.62
N ILE A 210 -2.97 8.89 9.39
CA ILE A 210 -2.79 9.56 8.11
C ILE A 210 -1.99 8.70 7.15
N PRO A 211 -2.57 8.41 5.97
CA PRO A 211 -1.88 7.64 4.93
C PRO A 211 -0.79 8.47 4.27
N ILE A 212 0.39 7.88 4.11
CA ILE A 212 1.53 8.60 3.55
C ILE A 212 2.19 7.85 2.39
N PHE A 213 1.75 6.62 2.15
CA PHE A 213 2.32 5.82 1.08
C PHE A 213 1.44 4.62 0.73
N ALA A 214 1.33 4.35 -0.57
CA ALA A 214 0.54 3.22 -1.05
C ALA A 214 1.26 2.50 -2.18
N TYR A 215 1.20 1.17 -2.16
CA TYR A 215 1.83 0.38 -3.20
C TYR A 215 1.07 -0.92 -3.45
N SER A 216 0.71 -1.14 -4.71
CA SER A 216 -0.04 -2.34 -5.08
C SER A 216 0.77 -3.20 -6.03
N HIS A 217 0.91 -4.47 -5.69
CA HIS A 217 1.61 -5.43 -6.54
C HIS A 217 0.94 -6.80 -6.49
N LEU A 218 0.41 -7.21 -7.63
CA LEU A 218 -0.23 -8.52 -7.76
C LEU A 218 -1.37 -8.73 -6.79
N HIS A 219 -1.14 -9.53 -5.75
CA HIS A 219 -2.18 -9.88 -4.79
CA HIS A 219 -2.19 -9.87 -4.79
C HIS A 219 -1.91 -9.35 -3.38
N TYR A 220 -1.31 -8.17 -3.29
CA TYR A 220 -1.08 -7.58 -1.97
C TYR A 220 -0.96 -6.06 -2.02
N PHE A 221 -1.49 -5.41 -0.99
CA PHE A 221 -1.41 -3.95 -0.85
C PHE A 221 -0.42 -3.58 0.25
N LYS A 222 0.32 -2.50 0.02
CA LYS A 222 1.28 -2.01 1.00
C LYS A 222 0.97 -0.57 1.37
N LEU A 223 0.71 -0.33 2.66
CA LEU A 223 0.34 1.00 3.11
C LEU A 223 1.20 1.50 4.26
N PHE A 224 1.40 2.82 4.31
CA PHE A 224 2.10 3.45 5.41
C PHE A 224 1.21 4.53 6.05
N PHE A 225 1.12 4.50 7.37
CA PHE A 225 0.33 5.48 8.11
C PHE A 225 1.18 6.14 9.17
N VAL A 226 0.84 7.38 9.51
CA VAL A 226 1.47 8.05 10.64
C VAL A 226 0.38 8.43 11.65
N LYS A 227 0.57 8.04 12.90
CA LYS A 227 -0.43 8.30 13.93
C LYS A 227 -0.34 9.71 14.47
N GLU A 228 -1.48 10.40 14.49
CA GLU A 228 -1.56 11.73 15.06
C GLU A 228 -2.76 11.80 16.01
N ARG A 229 -2.79 12.84 16.83
CA ARG A 229 -3.86 12.99 17.82
C ARG A 229 -4.60 14.31 17.64
N GLY A 230 -5.83 14.36 18.16
CA GLY A 230 -6.67 15.54 18.03
C GLY A 230 -7.87 15.26 17.15
N VAL A 231 -9.05 15.65 17.62
CA VAL A 231 -10.28 15.41 16.88
C VAL A 231 -10.32 16.18 15.56
N GLU A 232 -9.61 17.30 15.50
CA GLU A 232 -9.59 18.12 14.29
C GLU A 232 -8.86 17.41 13.15
N LYS A 233 -7.80 16.68 13.49
CA LYS A 233 -7.04 15.93 12.50
C LYS A 233 -7.85 14.73 12.01
N VAL A 234 -8.63 14.13 12.90
CA VAL A 234 -9.51 13.03 12.52
C VAL A 234 -10.60 13.55 11.61
N ASP A 235 -11.14 14.73 11.93
CA ASP A 235 -12.17 15.35 11.12
C ASP A 235 -11.67 15.64 9.70
N LYS A 236 -10.45 16.16 9.60
CA LYS A 236 -9.89 16.51 8.29
C LYS A 236 -9.75 15.26 7.42
N LEU A 237 -9.49 14.12 8.06
CA LEU A 237 -9.40 12.85 7.35
C LEU A 237 -10.78 12.39 6.90
N ILE A 238 -11.76 12.48 7.79
CA ILE A 238 -13.13 12.07 7.47
C ILE A 238 -13.68 12.88 6.31
N GLU A 239 -13.35 14.17 6.26
CA GLU A 239 -13.81 15.04 5.19
C GLU A 239 -13.31 14.55 3.83
N GLN A 240 -12.28 13.71 3.85
CA GLN A 240 -11.68 13.22 2.61
C GLN A 240 -12.17 11.81 2.27
N PHE A 241 -13.32 11.44 2.84
CA PHE A 241 -14.02 10.24 2.43
C PHE A 241 -14.99 10.63 1.32
N GLY A 242 -15.14 9.76 0.33
CA GLY A 242 -16.01 10.06 -0.79
C GLY A 242 -16.35 8.85 -1.64
N TYR A 243 -16.96 9.11 -2.80
CA TYR A 243 -17.37 8.05 -3.70
C TYR A 243 -16.80 8.26 -5.09
N ILE A 244 -16.75 7.18 -5.87
CA ILE A 244 -16.30 7.24 -7.25
C ILE A 244 -17.38 6.67 -8.17
N GLN A 245 -17.98 7.53 -8.98
CA GLN A 245 -18.91 7.07 -9.99
C GLN A 245 -18.14 6.67 -11.25
N TYR A 246 -18.37 5.44 -11.71
CA TYR A 246 -17.64 4.92 -12.85
C TYR A 246 -18.56 4.26 -13.88
N CYS A 247 -18.21 4.44 -15.15
CA CYS A 247 -18.99 3.88 -16.24
C CYS A 247 -18.18 2.79 -16.95
N PHE A 248 -18.71 1.57 -16.96
CA PHE A 248 -18.01 0.44 -17.55
C PHE A 248 -18.00 0.45 -19.07
N ASN A 249 -18.89 1.22 -19.67
CA ASN A 249 -18.99 1.26 -21.12
C ASN A 249 -17.92 2.11 -21.78
N CYS A 250 -17.73 3.33 -21.28
CA CYS A 250 -16.79 4.27 -21.87
C CYS A 250 -15.68 4.65 -20.91
N MET A 251 -15.75 4.13 -19.68
CA MET A 251 -14.70 4.32 -18.69
C MET A 251 -14.69 5.70 -18.05
N ASN A 252 -15.79 6.44 -18.19
CA ASN A 252 -15.91 7.75 -17.56
C ASN A 252 -15.98 7.63 -16.04
N ARG A 253 -15.38 8.57 -15.33
CA ARG A 253 -15.37 8.53 -13.87
C ARG A 253 -15.42 9.93 -13.25
N GLU A 254 -16.00 10.02 -12.06
CA GLU A 254 -16.08 11.29 -11.34
C GLU A 254 -16.13 11.05 -9.83
N VAL A 255 -15.51 11.95 -9.08
CA VAL A 255 -15.50 11.87 -7.62
C VAL A 255 -16.67 12.62 -7.02
N VAL A 256 -17.37 11.97 -6.09
CA VAL A 256 -18.53 12.58 -5.46
C VAL A 256 -18.44 12.51 -3.93
N THR A 257 -18.43 13.67 -3.30
CA THR A 257 -18.40 13.76 -1.84
C THR A 257 -19.75 14.26 -1.31
N ASP A 258 -20.60 14.70 -2.22
CA ASP A 258 -21.92 15.21 -1.87
C ASP A 258 -22.99 14.20 -2.25
N LEU A 259 -23.68 13.67 -1.24
CA LEU A 259 -24.68 12.64 -1.45
C LEU A 259 -25.79 13.07 -2.43
N TYR A 260 -26.02 14.37 -2.53
CA TYR A 260 -27.06 14.89 -3.40
C TYR A 260 -26.67 14.81 -4.88
N LYS A 261 -25.38 14.62 -5.15
CA LYS A 261 -24.85 14.80 -6.50
C LYS A 261 -24.68 13.52 -7.33
N PHE A 262 -25.26 12.41 -6.89
CA PHE A 262 -25.13 11.17 -7.65
C PHE A 262 -25.94 11.17 -8.95
N LYS A 263 -25.35 10.68 -10.02
CA LYS A 263 -26.02 10.59 -11.31
C LYS A 263 -26.30 9.13 -11.66
N GLU A 264 -27.51 8.85 -12.11
CA GLU A 264 -27.89 7.49 -12.49
C GLU A 264 -27.28 7.10 -13.83
N LYS A 265 -27.24 8.06 -14.75
CA LYS A 265 -26.73 7.79 -16.10
C LYS A 265 -25.40 8.49 -16.37
N CYS A 266 -24.51 7.77 -17.06
CA CYS A 266 -23.23 8.30 -17.47
C CYS A 266 -23.43 9.45 -18.46
N PRO A 267 -22.95 10.65 -18.10
CA PRO A 267 -23.12 11.87 -18.90
C PRO A 267 -22.58 11.73 -20.32
N HIS A 268 -21.67 10.79 -20.54
CA HIS A 268 -21.03 10.64 -21.84
C HIS A 268 -21.82 9.78 -22.82
N CYS A 269 -22.10 8.54 -22.43
CA CYS A 269 -22.77 7.60 -23.34
C CYS A 269 -24.13 7.14 -22.82
N GLY A 270 -24.45 7.50 -21.57
CA GLY A 270 -25.77 7.25 -21.02
C GLY A 270 -25.95 5.90 -20.36
N SER A 271 -24.88 5.12 -20.28
CA SER A 271 -24.93 3.81 -19.63
C SER A 271 -25.02 3.98 -18.12
N LYS A 272 -25.20 2.87 -17.41
CA LYS A 272 -25.32 2.91 -15.95
C LYS A 272 -24.06 3.46 -15.30
N PHE A 273 -24.24 4.45 -14.43
CA PHE A 273 -23.13 5.06 -13.71
C PHE A 273 -23.00 4.44 -12.32
N HIS A 274 -22.15 3.42 -12.21
CA HIS A 274 -21.99 2.70 -10.95
C HIS A 274 -21.35 3.54 -9.85
N ILE A 275 -21.53 3.10 -8.60
CA ILE A 275 -21.01 3.83 -7.45
C ILE A 275 -20.05 2.97 -6.64
N GLY A 276 -18.81 3.46 -6.49
CA GLY A 276 -17.83 2.79 -5.68
C GLY A 276 -17.53 3.59 -4.42
N GLY A 277 -17.41 2.90 -3.29
CA GLY A 277 -17.15 3.56 -2.03
C GLY A 277 -18.15 3.22 -0.95
N PRO A 278 -18.16 4.00 0.14
CA PRO A 278 -17.30 5.17 0.35
C PRO A 278 -15.83 4.77 0.51
N LEU A 279 -14.92 5.69 0.21
CA LEU A 279 -13.50 5.39 0.25
C LEU A 279 -12.66 6.66 0.39
N TRP A 280 -11.35 6.48 0.50
CA TRP A 280 -10.42 7.58 0.64
C TRP A 280 -10.14 8.24 -0.71
N ILE A 281 -10.47 9.52 -0.82
CA ILE A 281 -10.26 10.26 -2.06
C ILE A 281 -9.10 11.25 -1.93
N GLY A 282 -8.35 11.13 -0.84
CA GLY A 282 -7.21 12.00 -0.61
C GLY A 282 -5.96 11.53 -1.32
N LYS A 283 -4.83 12.10 -0.95
CA LYS A 283 -3.55 11.73 -1.55
C LYS A 283 -3.09 10.35 -1.09
N LEU A 284 -2.46 9.62 -1.99
CA LEU A 284 -1.96 8.28 -1.67
C LEU A 284 -0.50 8.30 -1.22
N TRP A 285 0.19 9.41 -1.53
CA TRP A 285 1.61 9.51 -1.21
C TRP A 285 1.98 10.86 -0.60
N ASP A 286 2.75 10.82 0.48
CA ASP A 286 3.36 12.01 1.03
C ASP A 286 4.68 12.24 0.31
N GLU A 287 4.77 13.37 -0.40
CA GLU A 287 5.94 13.64 -1.24
C GLU A 287 7.26 13.47 -0.50
N GLU A 288 7.37 14.06 0.68
CA GLU A 288 8.61 14.00 1.45
C GLU A 288 8.98 12.57 1.82
N PHE A 289 8.01 11.83 2.33
CA PHE A 289 8.23 10.44 2.73
C PHE A 289 8.65 9.57 1.55
N THR A 290 7.94 9.74 0.43
CA THR A 290 8.24 8.97 -0.78
C THR A 290 9.64 9.29 -1.29
N ASN A 291 9.95 10.57 -1.38
CA ASN A 291 11.27 11.01 -1.84
C ASN A 291 12.41 10.44 -1.01
N PHE A 292 12.21 10.40 0.30
CA PHE A 292 13.20 9.83 1.21
C PHE A 292 13.40 8.34 0.91
N LEU A 293 12.30 7.61 0.80
CA LEU A 293 12.36 6.18 0.51
C LEU A 293 13.23 5.93 -0.72
N TYR A 294 13.03 6.72 -1.76
CA TYR A 294 13.76 6.56 -3.01
C TYR A 294 15.24 6.88 -2.84
N GLU A 295 15.54 8.03 -2.23
CA GLU A 295 16.91 8.46 -2.05
C GLU A 295 17.68 7.54 -1.10
N GLU A 296 17.04 7.15 -0.01
CA GLU A 296 17.68 6.26 0.96
C GLU A 296 17.89 4.87 0.36
N ALA A 297 16.99 4.47 -0.53
CA ALA A 297 17.09 3.16 -1.18
C ALA A 297 18.29 3.11 -2.11
N GLN A 298 18.58 4.24 -2.75
CA GLN A 298 19.68 4.32 -3.71
C GLN A 298 21.04 4.21 -3.03
N LYS A 299 21.04 4.38 -1.71
CA LYS A 299 22.28 4.33 -0.94
C LYS A 299 22.56 2.93 -0.39
N ARG A 300 21.60 2.03 -0.57
CA ARG A 300 21.70 0.70 0.02
C ARG A 300 21.82 -0.39 -1.03
N GLU A 301 22.94 -1.12 -0.97
CA GLU A 301 23.22 -2.20 -1.91
C GLU A 301 22.40 -3.45 -1.56
N GLU A 302 21.97 -3.53 -0.30
CA GLU A 302 21.19 -4.67 0.15
C GLU A 302 19.69 -4.49 -0.16
N ILE A 303 19.36 -3.40 -0.85
CA ILE A 303 17.99 -3.17 -1.28
C ILE A 303 17.81 -3.63 -2.73
N GLU A 304 16.78 -4.43 -2.96
CA GLU A 304 16.50 -4.96 -4.29
C GLU A 304 16.47 -3.87 -5.36
N LYS A 305 16.98 -4.20 -6.54
CA LYS A 305 16.94 -3.30 -7.68
C LYS A 305 15.49 -2.99 -8.05
N GLU A 306 14.64 -4.01 -7.93
CA GLU A 306 13.22 -3.86 -8.22
C GLU A 306 12.58 -2.81 -7.32
N THR A 307 12.89 -2.87 -6.04
CA THR A 307 12.38 -1.90 -5.07
C THR A 307 12.78 -0.49 -5.48
N LYS A 308 13.98 -0.34 -6.01
CA LYS A 308 14.49 0.97 -6.43
C LYS A 308 13.78 1.47 -7.68
N ARG A 309 13.53 0.58 -8.63
CA ARG A 309 12.80 0.94 -9.84
C ARG A 309 11.37 1.33 -9.51
N ILE A 310 10.75 0.54 -8.64
CA ILE A 310 9.38 0.82 -8.18
C ILE A 310 9.29 2.17 -7.50
N LEU A 311 10.25 2.45 -6.61
CA LEU A 311 10.26 3.71 -5.89
C LEU A 311 10.49 4.90 -6.82
N LYS A 312 11.23 4.69 -7.91
CA LYS A 312 11.46 5.75 -8.87
C LYS A 312 10.17 6.06 -9.62
N LEU A 313 9.44 5.00 -9.98
CA LEU A 313 8.18 5.16 -10.71
C LEU A 313 7.11 5.76 -9.81
N ILE A 314 7.11 5.36 -8.54
CA ILE A 314 6.14 5.89 -7.59
C ILE A 314 6.42 7.36 -7.25
N LYS A 315 7.70 7.72 -7.22
CA LYS A 315 8.08 9.12 -7.01
C LYS A 315 7.54 9.98 -8.14
N GLU A 316 7.72 9.51 -9.37
CA GLU A 316 7.20 10.18 -10.55
C GLU A 316 5.69 10.31 -10.47
N GLU A 317 5.04 9.25 -9.99
CA GLU A 317 3.60 9.19 -9.91
C GLU A 317 3.04 10.11 -8.84
N SER A 318 3.79 10.27 -7.75
CA SER A 318 3.32 11.04 -6.60
C SER A 318 3.25 12.54 -6.86
N GLN A 319 3.85 12.98 -7.96
CA GLN A 319 3.88 14.40 -8.28
C GLN A 319 2.66 14.84 -9.10
N LEU A 320 1.85 13.86 -9.50
CA LEU A 320 0.57 14.13 -10.14
C LEU A 320 -0.45 13.12 -9.64
N GLN A 321 -0.98 13.36 -8.45
CA GLN A 321 -1.89 12.42 -7.82
C GLN A 321 -3.34 12.70 -8.18
N THR A 322 -4.05 11.64 -8.56
CA THR A 322 -5.45 11.76 -8.94
C THR A 322 -6.26 10.61 -8.36
N VAL A 323 -7.59 10.72 -8.41
CA VAL A 323 -8.46 9.64 -8.02
C VAL A 323 -8.79 8.79 -9.24
N GLY A 324 -8.20 7.60 -9.30
CA GLY A 324 -8.34 6.74 -10.45
C GLY A 324 -7.34 7.12 -11.52
N PHE A 325 -7.21 6.27 -12.54
CA PHE A 325 -6.29 6.53 -13.63
C PHE A 325 -6.80 5.91 -14.93
N TYR A 326 -6.08 6.15 -16.02
CA TYR A 326 -6.46 5.61 -17.32
C TYR A 326 -5.48 4.55 -17.80
N VAL A 327 -5.99 3.59 -18.56
CA VAL A 327 -5.15 2.55 -19.15
C VAL A 327 -5.14 2.70 -20.67
N LEU A 328 -3.96 2.93 -21.22
CA LEU A 328 -3.82 3.22 -22.65
C LEU A 328 -4.48 2.18 -23.54
N SER A 329 -4.22 0.91 -23.28
CA SER A 329 -4.74 -0.18 -24.11
C SER A 329 -6.26 -0.18 -24.15
N LYS A 330 -6.89 0.13 -23.01
CA LYS A 330 -8.34 0.19 -22.93
C LYS A 330 -8.91 1.36 -23.73
N LEU A 331 -8.23 2.51 -23.65
CA LEU A 331 -8.64 3.69 -24.41
C LEU A 331 -8.44 3.45 -25.89
N ALA A 332 -7.28 2.91 -26.26
CA ALA A 332 -6.97 2.62 -27.65
C ALA A 332 -7.97 1.63 -28.23
N GLU A 333 -8.36 0.64 -27.42
CA GLU A 333 -9.34 -0.35 -27.85
C GLU A 333 -10.70 0.29 -28.09
N LYS A 334 -10.92 1.43 -27.45
CA LYS A 334 -12.20 2.14 -27.55
C LYS A 334 -12.28 2.98 -28.82
N VAL A 335 -11.16 3.58 -29.20
CA VAL A 335 -11.12 4.49 -30.34
C VAL A 335 -10.42 3.85 -31.55
N LYS A 336 -9.90 2.64 -31.35
CA LYS A 336 -9.12 1.96 -32.37
C LYS A 336 -8.00 2.87 -32.89
N LEU A 337 -6.97 3.04 -32.08
CA LEU A 337 -5.81 3.83 -32.47
C LEU A 337 -4.94 3.00 -33.40
N PRO A 338 -4.52 3.58 -34.53
CA PRO A 338 -3.67 2.87 -35.49
C PRO A 338 -2.46 2.22 -34.82
N ALA A 339 -1.69 3.00 -34.08
CA ALA A 339 -0.53 2.47 -33.37
C ALA A 339 -0.43 3.04 -31.95
N GLN A 340 -0.15 2.17 -30.99
CA GLN A 340 -0.01 2.60 -29.59
C GLN A 340 1.44 2.92 -29.27
N PRO A 341 1.73 4.20 -28.97
CA PRO A 341 3.08 4.59 -28.58
C PRO A 341 3.41 4.05 -27.20
N PRO A 342 4.69 3.82 -26.91
CA PRO A 342 5.11 3.34 -25.59
C PRO A 342 4.51 4.21 -24.49
N ILE A 343 4.13 3.61 -23.37
CA ILE A 343 3.47 4.35 -22.29
C ILE A 343 4.26 5.58 -21.86
N ARG A 344 5.58 5.46 -21.85
CA ARG A 344 6.46 6.58 -21.48
C ARG A 344 6.20 7.78 -22.39
N ILE A 345 5.96 7.49 -23.67
CA ILE A 345 5.68 8.54 -24.64
C ILE A 345 4.21 8.97 -24.58
N ALA A 346 3.33 7.99 -24.44
CA ALA A 346 1.90 8.23 -24.44
C ALA A 346 1.47 9.24 -23.38
N VAL A 347 2.07 9.15 -22.20
CA VAL A 347 1.70 10.03 -21.09
C VAL A 347 1.93 11.49 -21.42
N LYS A 348 2.95 11.77 -22.23
CA LYS A 348 3.27 13.14 -22.63
C LYS A 348 2.11 13.79 -23.36
N PHE A 349 1.44 13.04 -24.23
CA PHE A 349 0.31 13.55 -24.99
C PHE A 349 -0.85 13.94 -24.09
N PHE A 350 -0.88 13.38 -22.88
CA PHE A 350 -1.95 13.64 -21.94
C PHE A 350 -1.49 14.47 -20.76
N ASN A 351 -0.27 15.01 -20.86
CA ASN A 351 0.29 15.84 -19.80
C ASN A 351 0.30 15.11 -18.47
N GLY A 352 0.45 13.78 -18.51
CA GLY A 352 0.36 12.98 -17.31
C GLY A 352 1.63 12.23 -16.93
N VAL A 353 1.49 11.30 -15.99
CA VAL A 353 2.61 10.51 -15.51
C VAL A 353 2.21 9.03 -15.44
N ARG A 354 3.21 8.16 -15.40
CA ARG A 354 2.95 6.72 -15.29
C ARG A 354 2.44 6.35 -13.91
N THR A 355 1.76 5.21 -13.82
CA THR A 355 1.30 4.69 -12.54
C THR A 355 1.84 3.28 -12.32
N HIS A 356 2.24 2.99 -11.09
CA HIS A 356 2.81 1.69 -10.76
C HIS A 356 1.73 0.61 -10.78
N PHE A 357 0.47 1.03 -10.67
CA PHE A 357 -0.65 0.10 -10.65
C PHE A 357 -0.69 -0.80 -11.90
N VAL A 358 -0.56 -0.19 -13.06
CA VAL A 358 -0.61 -0.94 -14.32
C VAL A 358 0.42 -0.43 -15.31
N GLY A 359 1.06 -1.38 -16.01
CA GLY A 359 2.12 -1.06 -16.95
C GLY A 359 1.82 0.06 -17.92
N ASP A 360 0.65 0.02 -18.55
CA ASP A 360 0.30 1.03 -19.55
C ASP A 360 -0.75 2.01 -19.03
N GLY A 361 -0.76 2.21 -17.71
CA GLY A 361 -1.66 3.16 -17.10
C GLY A 361 -1.01 4.51 -16.89
N PHE A 362 -1.82 5.54 -16.72
CA PHE A 362 -1.31 6.89 -16.54
C PHE A 362 -2.30 7.80 -15.83
N ARG A 363 -1.79 8.77 -15.08
CA ARG A 363 -2.62 9.75 -14.42
C ARG A 363 -2.56 11.08 -15.15
N THR A 364 -3.63 11.87 -15.04
CA THR A 364 -3.68 13.17 -15.70
C THR A 364 -4.72 14.09 -15.07
N ASN A 365 -4.46 15.39 -15.11
CA ASN A 365 -5.39 16.38 -14.59
C ASN A 365 -6.45 16.76 -15.61
N LEU A 366 -6.32 16.23 -16.82
CA LEU A 366 -7.30 16.47 -17.87
C LEU A 366 -8.61 15.78 -17.53
N SER A 367 -9.72 16.37 -17.95
CA SER A 367 -11.04 15.78 -17.74
C SER A 367 -11.22 14.59 -18.69
N PHE A 368 -12.18 13.74 -18.37
CA PHE A 368 -12.47 12.57 -19.20
C PHE A 368 -12.72 12.97 -20.66
N GLU A 369 -13.50 14.02 -20.85
CA GLU A 369 -13.81 14.51 -22.19
C GLU A 369 -12.53 14.94 -22.91
N GLU A 370 -11.66 15.63 -22.19
CA GLU A 370 -10.39 16.09 -22.75
C GLU A 370 -9.49 14.92 -23.14
N VAL A 371 -9.48 13.88 -22.31
CA VAL A 371 -8.67 12.69 -22.59
C VAL A 371 -9.12 12.02 -23.88
N MET A 372 -10.42 11.79 -24.00
CA MET A 372 -11.00 11.19 -25.20
C MET A 372 -10.76 12.07 -26.42
N LYS A 373 -10.78 13.38 -26.20
CA LYS A 373 -10.51 14.33 -27.28
C LYS A 373 -9.07 14.18 -27.74
N LYS A 374 -8.16 13.97 -26.80
CA LYS A 374 -6.75 13.76 -27.10
C LYS A 374 -6.57 12.49 -27.91
N MET A 375 -7.29 11.45 -27.53
CA MET A 375 -7.23 10.16 -28.23
C MET A 375 -7.67 10.30 -29.69
N GLU A 376 -8.78 11.00 -29.90
CA GLU A 376 -9.29 11.22 -31.25
C GLU A 376 -8.31 12.05 -32.07
N GLU A 377 -7.74 13.08 -31.45
CA GLU A 377 -6.76 13.92 -32.11
C GLU A 377 -5.55 13.10 -32.55
N LEU A 378 -4.96 12.39 -31.60
CA LEU A 378 -3.80 11.54 -31.87
C LEU A 378 -4.15 10.54 -32.96
N LYS A 379 -5.34 9.96 -32.85
CA LYS A 379 -5.86 9.04 -33.87
C LYS A 379 -5.92 9.68 -35.25
N GLU A 380 -6.40 10.92 -35.31
CA GLU A 380 -6.60 11.59 -36.60
C GLU A 380 -5.30 12.04 -37.26
N LYS A 381 -4.38 12.56 -36.47
CA LYS A 381 -3.11 13.04 -36.98
C LYS A 381 -2.14 11.89 -37.25
N GLN A 382 -2.46 10.71 -36.69
CA GLN A 382 -1.71 9.51 -37.03
C GLN A 382 -2.18 8.96 -38.36
N LYS A 383 -3.49 8.99 -38.57
CA LYS A 383 -4.08 8.55 -39.83
C LYS A 383 -3.79 9.57 -40.94
N GLU A 384 -3.67 10.84 -40.55
CA GLU A 384 -3.45 11.92 -41.50
C GLU A 384 -2.02 11.97 -42.03
N PHE A 385 -1.06 11.72 -41.16
CA PHE A 385 0.34 11.68 -41.55
C PHE A 385 0.73 10.34 -42.14
N LEU A 386 -0.22 9.40 -42.12
CA LEU A 386 -0.03 8.11 -42.77
C LEU A 386 -0.55 8.17 -44.21
N GLU A 387 -0.66 9.39 -44.74
CA GLU A 387 -1.21 9.62 -46.08
C GLU A 387 -2.73 9.53 -46.10
#